data_9GPT
#
_entry.id   9GPT
#
_cell.length_a   48.924
_cell.length_b   48.924
_cell.length_c   194.888
_cell.angle_alpha   90
_cell.angle_beta   90
_cell.angle_gamma   120
#
_symmetry.space_group_name_H-M   'P 32 2 1'
#
loop_
_entity.id
_entity.type
_entity.pdbx_description
1 polymer 'Peptidyl-prolyl cis-trans isomerase FKBP5'
2 non-polymer 3-cyclohexyl-19,20-dimethoxy-19-methyl-11,18-dioxa-1,19lambda5-dithia-5-aza-19lambda5-stannapentacyclo[18.3.1.04,9.013,22.015,21]tetracosane-2,10-quinone
3 water water
#
_entity_poly.entity_id   1
_entity_poly.type   'polypeptide(L)'
_entity_poly.pdbx_seq_one_letter_code
;GAPATVTEQGEDITSKKDRGVLKIVKRVGNGEETPMIGDKVYVHYKGKLSNGKKFDSSHDRNEPFVFSLGKGQVIKAWDI
GVATMKKGEIAHLLIKPEYAYGSAGSLPKIPSNATLFFEIELLDFKGE
;
_entity_poly.pdbx_strand_id   B,A
#
loop_
_chem_comp.id
_chem_comp.type
_chem_comp.name
_chem_comp.formula
A1INR non-polymer 3-cyclohexyl-19,20-dimethoxy-19-methyl-11,18-dioxa-1,19lambda5-dithia-5-aza-19lambda5-stannapentacyclo[18.3.1.04,9.013,22.015,21]tetracosane-2,10-quinone 'C31 H44 N4 O6'
#
# COMPACT_ATOMS: atom_id res chain seq x y z
N GLY A 1 1.81 -13.61 22.37
CA GLY A 1 0.47 -14.21 22.39
C GLY A 1 0.07 -14.62 20.98
N ALA A 2 -1.05 -14.04 20.51
CA ALA A 2 -1.77 -14.60 19.39
C ALA A 2 -0.88 -14.54 18.14
N PRO A 3 -0.24 -13.40 17.79
CA PRO A 3 0.57 -13.38 16.57
C PRO A 3 1.68 -14.43 16.56
N ALA A 4 2.37 -14.57 17.69
CA ALA A 4 3.45 -15.54 17.79
C ALA A 4 2.88 -16.97 17.69
N THR A 5 1.69 -17.25 18.26
CA THR A 5 1.02 -18.54 18.11
C THR A 5 0.76 -18.84 16.64
N VAL A 6 0.39 -17.83 15.83
CA VAL A 6 0.06 -18.07 14.43
C VAL A 6 1.35 -18.32 13.65
N THR A 7 2.42 -17.62 13.98
CA THR A 7 3.75 -17.92 13.45
C THR A 7 4.08 -19.40 13.65
N GLU A 8 3.87 -19.90 14.88
CA GLU A 8 4.35 -21.20 15.32
C GLU A 8 3.47 -22.35 14.78
N GLN A 9 2.14 -22.14 14.77
CA GLN A 9 1.18 -23.20 14.53
C GLN A 9 0.30 -22.98 13.31
N GLY A 10 0.36 -21.79 12.70
CA GLY A 10 -0.62 -21.48 11.68
C GLY A 10 -0.37 -22.27 10.41
N GLU A 11 -1.47 -22.52 9.68
CA GLU A 11 -1.41 -23.13 8.34
C GLU A 11 -1.07 -22.07 7.28
N ASP A 12 -0.18 -22.38 6.33
CA ASP A 12 0.16 -21.50 5.23
C ASP A 12 -0.89 -21.69 4.15
N ILE A 13 -1.78 -20.72 4.00
CA ILE A 13 -2.88 -20.89 3.06
C ILE A 13 -2.57 -20.18 1.72
N THR A 14 -1.31 -19.86 1.46
CA THR A 14 -0.92 -19.23 0.19
C THR A 14 -0.75 -20.30 -0.88
N SER A 15 -0.95 -19.92 -2.14
CA SER A 15 -0.70 -20.78 -3.29
C SER A 15 0.79 -21.02 -3.48
N LYS A 16 1.57 -19.96 -3.32
CA LYS A 16 3.02 -20.02 -3.48
C LYS A 16 3.69 -20.74 -2.31
N LYS A 17 2.99 -20.95 -1.20
CA LYS A 17 3.62 -21.57 -0.02
C LYS A 17 4.83 -20.74 0.41
N ASP A 18 4.62 -19.44 0.58
CA ASP A 18 5.66 -18.53 1.00
C ASP A 18 5.42 -18.06 2.44
N ARG A 19 4.50 -18.69 3.15
CA ARG A 19 4.10 -18.30 4.50
C ARG A 19 3.61 -16.85 4.58
N GLY A 20 3.02 -16.34 3.49
CA GLY A 20 2.61 -14.94 3.46
C GLY A 20 1.31 -14.68 4.23
N VAL A 21 0.50 -15.73 4.34
CA VAL A 21 -0.79 -15.68 5.00
C VAL A 21 -0.87 -16.99 5.80
N LEU A 22 -0.83 -16.87 7.12
CA LEU A 22 -0.92 -17.98 8.07
C LEU A 22 -2.21 -17.86 8.85
N LYS A 23 -2.85 -19.02 9.12
CA LYS A 23 -4.21 -19.08 9.63
C LYS A 23 -4.30 -20.09 10.76
N ILE A 24 -4.99 -19.73 11.85
CA ILE A 24 -5.53 -20.67 12.81
C ILE A 24 -7.04 -20.47 12.90
N VAL A 25 -7.79 -21.58 12.86
CA VAL A 25 -9.20 -21.53 13.11
C VAL A 25 -9.35 -21.47 14.63
N LYS A 26 -10.04 -20.46 15.15
CA LYS A 26 -10.23 -20.36 16.59
C LYS A 26 -11.60 -20.90 16.99
N ARG A 27 -12.65 -20.62 16.22
CA ARG A 27 -13.95 -21.21 16.46
C ARG A 27 -14.54 -21.72 15.13
N VAL A 28 -15.02 -22.96 15.14
CA VAL A 28 -15.44 -23.62 13.91
C VAL A 28 -16.79 -23.07 13.48
N GLY A 29 -16.93 -22.92 12.15
CA GLY A 29 -18.14 -22.39 11.53
C GLY A 29 -19.14 -23.50 11.19
N ASN A 30 -20.30 -23.08 10.64
CA ASN A 30 -21.36 -24.00 10.22
C ASN A 30 -21.40 -23.98 8.68
N GLY A 31 -21.63 -25.15 8.07
CA GLY A 31 -21.95 -25.28 6.66
C GLY A 31 -20.71 -25.64 5.84
N GLU A 32 -20.93 -26.29 4.68
CA GLU A 32 -19.86 -26.73 3.79
C GLU A 32 -19.37 -25.58 2.88
N GLU A 33 -20.23 -24.58 2.61
CA GLU A 33 -19.93 -23.51 1.67
C GLU A 33 -18.91 -22.54 2.27
N THR A 34 -17.95 -22.07 1.46
CA THR A 34 -17.14 -20.91 1.78
C THR A 34 -17.36 -19.87 0.68
N PRO A 35 -17.04 -18.58 0.88
CA PRO A 35 -17.36 -17.57 -0.12
C PRO A 35 -16.58 -17.78 -1.43
N MET A 36 -17.33 -17.76 -2.56
CA MET A 36 -16.75 -17.71 -3.88
C MET A 36 -16.43 -16.24 -4.17
N ILE A 37 -15.53 -16.02 -5.14
CA ILE A 37 -15.20 -14.66 -5.55
C ILE A 37 -16.47 -13.97 -6.03
N GLY A 38 -16.61 -12.70 -5.69
CA GLY A 38 -17.78 -11.91 -6.09
C GLY A 38 -18.83 -11.78 -4.99
N ASP A 39 -18.83 -12.69 -4.03
CA ASP A 39 -19.77 -12.65 -2.91
C ASP A 39 -19.70 -11.34 -2.14
N LYS A 40 -20.83 -10.97 -1.51
CA LYS A 40 -20.88 -9.85 -0.59
C LYS A 40 -20.67 -10.43 0.78
N VAL A 41 -19.62 -9.99 1.49
CA VAL A 41 -19.18 -10.65 2.70
C VAL A 41 -19.30 -9.73 3.93
N TYR A 42 -19.74 -10.31 5.04
CA TYR A 42 -20.03 -9.59 6.28
C TYR A 42 -19.18 -10.16 7.42
N VAL A 43 -18.33 -9.31 8.04
CA VAL A 43 -17.44 -9.79 9.09
C VAL A 43 -17.44 -8.86 10.31
N HIS A 44 -17.05 -9.42 11.45
CA HIS A 44 -16.45 -8.67 12.54
C HIS A 44 -14.95 -8.97 12.52
N TYR A 45 -14.14 -7.97 12.80
CA TYR A 45 -12.70 -8.19 12.91
C TYR A 45 -12.10 -7.28 14.00
N LYS A 46 -10.95 -7.75 14.49
CA LYS A 46 -10.00 -6.95 15.25
C LYS A 46 -8.65 -7.08 14.57
N GLY A 47 -7.99 -5.97 14.24
CA GLY A 47 -6.70 -6.04 13.55
C GLY A 47 -5.66 -5.22 14.33
N LYS A 48 -4.39 -5.46 14.04
CA LYS A 48 -3.32 -4.66 14.61
C LYS A 48 -2.06 -4.97 13.81
N LEU A 49 -1.09 -4.03 13.84
CA LEU A 49 0.29 -4.33 13.50
C LEU A 49 0.77 -5.44 14.44
N SER A 50 1.56 -6.39 13.94
CA SER A 50 2.01 -7.51 14.75
C SER A 50 2.84 -7.07 15.95
N ASN A 51 3.51 -5.93 15.82
CA ASN A 51 4.17 -5.15 16.87
C ASN A 51 3.22 -4.77 18.01
N GLY A 52 1.89 -4.86 17.83
CA GLY A 52 0.91 -4.48 18.84
C GLY A 52 0.57 -2.98 18.81
N LYS A 53 1.23 -2.16 17.97
CA LYS A 53 1.38 -0.73 18.28
C LYS A 53 0.21 0.12 17.75
N LYS A 54 -0.53 -0.36 16.73
CA LYS A 54 -1.79 0.24 16.29
C LYS A 54 -2.86 -0.85 16.21
N PHE A 55 -4.13 -0.50 16.43
CA PHE A 55 -5.21 -1.46 16.72
C PHE A 55 -6.51 -0.96 16.07
N ASP A 56 -7.33 -1.83 15.49
CA ASP A 56 -8.50 -1.39 14.71
C ASP A 56 -9.56 -2.48 14.69
N SER A 57 -10.83 -2.12 14.93
CA SER A 57 -11.87 -3.12 15.09
C SER A 57 -13.23 -2.66 14.56
N SER A 58 -13.93 -3.56 13.86
CA SER A 58 -15.34 -3.36 13.56
C SER A 58 -16.19 -3.40 14.84
N HIS A 59 -15.99 -4.42 15.70
CA HIS A 59 -16.85 -4.55 16.89
C HIS A 59 -16.78 -3.28 17.73
N ASP A 60 -15.91 -2.31 17.37
CA ASP A 60 -15.96 -0.97 17.92
C ASP A 60 -17.28 -0.30 17.54
N ARG A 61 -17.67 -0.33 16.25
CA ARG A 61 -18.96 0.23 15.86
C ARG A 61 -19.94 -0.92 15.54
N PRO A 64 -20.89 -4.27 11.51
CA PRO A 64 -20.00 -5.23 10.78
C PRO A 64 -19.43 -4.58 9.52
N PHE A 65 -18.26 -5.08 9.12
CA PHE A 65 -17.53 -4.63 7.96
C PHE A 65 -17.97 -5.46 6.76
N VAL A 66 -18.30 -4.74 5.68
CA VAL A 66 -18.92 -5.35 4.51
C VAL A 66 -17.98 -5.14 3.33
N PHE A 67 -17.74 -6.20 2.52
CA PHE A 67 -16.94 -6.04 1.31
C PHE A 67 -17.27 -7.15 0.30
N SER A 68 -16.90 -6.93 -0.96
CA SER A 68 -17.06 -7.93 -2.01
C SER A 68 -15.76 -8.69 -2.14
N LEU A 69 -15.83 -10.02 -2.08
CA LEU A 69 -14.63 -10.84 -2.07
C LEU A 69 -13.99 -10.84 -3.45
N GLY A 70 -12.66 -10.65 -3.48
CA GLY A 70 -11.83 -10.77 -4.66
C GLY A 70 -11.84 -9.53 -5.55
N LYS A 71 -12.30 -8.38 -5.05
CA LYS A 71 -12.64 -7.25 -5.90
C LYS A 71 -11.75 -6.06 -5.53
N GLY A 72 -10.64 -6.35 -4.84
CA GLY A 72 -9.66 -5.36 -4.43
C GLY A 72 -10.17 -4.26 -3.49
N GLN A 73 -11.22 -4.50 -2.68
CA GLN A 73 -11.61 -3.53 -1.65
C GLN A 73 -10.81 -3.78 -0.36
N VAL A 74 -10.20 -4.98 -0.23
CA VAL A 74 -9.39 -5.30 0.92
C VAL A 74 -8.04 -5.83 0.43
N ILE A 75 -7.10 -5.97 1.36
CA ILE A 75 -5.78 -6.48 1.06
C ILE A 75 -5.91 -7.93 0.60
N LYS A 76 -4.93 -8.36 -0.21
CA LYS A 76 -4.86 -9.67 -0.85
C LYS A 76 -5.07 -10.76 0.21
N ALA A 77 -4.50 -10.60 1.41
CA ALA A 77 -4.58 -11.63 2.47
C ALA A 77 -6.02 -11.82 2.91
N TRP A 78 -6.88 -10.79 2.82
CA TRP A 78 -8.25 -10.97 3.22
C TRP A 78 -8.99 -11.76 2.15
N ASP A 79 -8.71 -11.47 0.88
CA ASP A 79 -9.38 -12.18 -0.20
C ASP A 79 -9.00 -13.65 -0.10
N ILE A 80 -7.72 -13.93 0.14
CA ILE A 80 -7.24 -15.29 0.33
C ILE A 80 -7.87 -15.93 1.56
N GLY A 81 -7.74 -15.25 2.72
CA GLY A 81 -8.08 -15.85 3.99
C GLY A 81 -9.59 -16.04 4.17
N VAL A 82 -10.34 -14.99 3.83
CA VAL A 82 -11.78 -15.02 4.05
C VAL A 82 -12.40 -16.07 3.12
N ALA A 83 -11.82 -16.31 1.93
CA ALA A 83 -12.34 -17.33 1.04
C ALA A 83 -12.24 -18.73 1.65
N THR A 84 -11.34 -18.96 2.61
CA THR A 84 -11.21 -20.26 3.29
C THR A 84 -12.20 -20.45 4.45
N MET A 85 -13.02 -19.47 4.81
CA MET A 85 -13.74 -19.50 6.09
C MET A 85 -15.23 -19.86 5.88
N LYS A 86 -15.83 -20.52 6.88
CA LYS A 86 -17.26 -20.85 6.90
C LYS A 86 -18.04 -19.83 7.75
N LYS A 87 -19.33 -19.67 7.45
CA LYS A 87 -20.27 -18.87 8.22
C LYS A 87 -20.16 -19.27 9.70
N GLY A 88 -19.86 -18.28 10.55
CA GLY A 88 -19.75 -18.49 11.98
C GLY A 88 -18.30 -18.71 12.43
N GLU A 89 -17.38 -18.85 11.49
CA GLU A 89 -16.00 -19.18 11.82
C GLU A 89 -15.33 -17.93 12.38
N ILE A 90 -14.50 -18.16 13.39
CA ILE A 90 -13.51 -17.17 13.80
C ILE A 90 -12.12 -17.73 13.51
N ALA A 91 -11.31 -16.90 12.85
CA ALA A 91 -9.96 -17.30 12.50
C ALA A 91 -8.96 -16.19 12.85
N HIS A 92 -7.69 -16.58 13.10
CA HIS A 92 -6.58 -15.68 13.26
C HIS A 92 -5.72 -15.74 11.98
N LEU A 93 -5.39 -14.58 11.43
CA LEU A 93 -4.47 -14.45 10.31
C LEU A 93 -3.25 -13.63 10.71
N LEU A 94 -2.09 -14.10 10.23
CA LEU A 94 -0.85 -13.35 10.32
C LEU A 94 -0.32 -13.21 8.90
N ILE A 95 -0.09 -11.94 8.51
CA ILE A 95 0.09 -11.55 7.13
C ILE A 95 1.39 -10.78 6.88
N LYS A 96 2.22 -11.28 5.97
CA LYS A 96 3.48 -10.64 5.58
C LYS A 96 3.19 -9.45 4.70
N PRO A 97 4.09 -8.46 4.57
CA PRO A 97 3.75 -7.24 3.83
C PRO A 97 3.39 -7.48 2.36
N GLU A 98 3.98 -8.48 1.72
CA GLU A 98 3.63 -8.80 0.34
C GLU A 98 2.12 -9.06 0.15
N TYR A 99 1.39 -9.47 1.20
CA TYR A 99 -0.04 -9.76 1.05
C TYR A 99 -0.89 -8.70 1.75
N ALA A 100 -0.24 -7.57 2.08
CA ALA A 100 -0.93 -6.46 2.72
C ALA A 100 -0.53 -5.16 2.01
N TYR A 101 0.34 -4.33 2.61
CA TYR A 101 0.57 -2.98 2.06
C TYR A 101 2.02 -2.79 1.57
N GLY A 102 2.83 -3.87 1.64
CA GLY A 102 4.08 -3.94 0.88
C GLY A 102 5.14 -2.97 1.41
N SER A 103 6.10 -2.68 0.56
CA SER A 103 7.20 -1.80 0.94
C SER A 103 6.74 -0.33 0.94
N ALA A 104 5.65 -0.02 0.23
CA ALA A 104 5.16 1.35 0.20
C ALA A 104 4.47 1.71 1.52
N GLY A 105 3.82 0.70 2.11
CA GLY A 105 2.99 0.90 3.28
C GLY A 105 1.76 1.76 2.92
N SER A 106 1.15 2.33 3.95
CA SER A 106 -0.06 3.09 3.82
C SER A 106 -0.15 4.05 5.00
N LEU A 107 0.76 5.02 5.01
CA LEU A 107 0.90 5.96 6.11
C LEU A 107 -0.33 6.88 6.18
N PRO A 108 -0.64 7.43 7.38
CA PRO A 108 0.13 7.13 8.59
C PRO A 108 -0.23 5.82 9.31
N LYS A 109 -1.28 5.15 8.87
CA LYS A 109 -1.75 3.97 9.59
C LYS A 109 -0.78 2.81 9.51
N ILE A 110 -0.26 2.49 8.31
CA ILE A 110 0.55 1.31 8.12
C ILE A 110 1.95 1.71 7.66
N PRO A 111 3.02 1.26 8.36
CA PRO A 111 4.37 1.58 7.91
C PRO A 111 4.86 0.65 6.81
N SER A 112 6.04 0.99 6.24
CA SER A 112 6.60 0.17 5.21
C SER A 112 6.87 -1.23 5.79
N ASN A 113 6.59 -2.26 5.01
CA ASN A 113 7.03 -3.61 5.34
C ASN A 113 6.38 -4.15 6.64
N ALA A 114 5.10 -3.87 6.87
CA ALA A 114 4.45 -4.20 8.12
C ALA A 114 3.86 -5.61 8.02
N THR A 115 4.08 -6.38 9.09
CA THR A 115 3.34 -7.59 9.39
C THR A 115 2.06 -7.25 10.18
N LEU A 116 0.92 -7.74 9.69
CA LEU A 116 -0.43 -7.51 10.26
C LEU A 116 -0.97 -8.80 10.88
N PHE A 117 -1.79 -8.62 11.93
CA PHE A 117 -2.54 -9.67 12.62
C PHE A 117 -4.03 -9.29 12.62
N PHE A 118 -4.87 -10.24 12.28
CA PHE A 118 -6.30 -10.05 12.46
C PHE A 118 -6.95 -11.26 13.12
N GLU A 119 -7.99 -10.96 13.90
CA GLU A 119 -9.01 -11.94 14.24
C GLU A 119 -10.24 -11.55 13.43
N ILE A 120 -10.75 -12.52 12.69
CA ILE A 120 -11.93 -12.32 11.86
C ILE A 120 -13.03 -13.31 12.21
N GLU A 121 -14.25 -12.77 12.37
CA GLU A 121 -15.47 -13.57 12.42
C GLU A 121 -16.28 -13.36 11.14
N LEU A 122 -16.55 -14.47 10.48
CA LEU A 122 -17.38 -14.46 9.29
C LEU A 122 -18.85 -14.59 9.68
N LEU A 123 -19.61 -13.51 9.49
CA LEU A 123 -21.00 -13.49 9.95
C LEU A 123 -21.91 -14.03 8.84
N ASP A 124 -21.69 -13.53 7.61
CA ASP A 124 -22.55 -13.93 6.50
C ASP A 124 -21.81 -13.74 5.18
N PHE A 125 -22.27 -14.39 4.12
CA PHE A 125 -21.90 -14.01 2.75
C PHE A 125 -23.03 -14.36 1.80
N LYS A 126 -23.30 -13.48 0.84
CA LYS A 126 -24.42 -13.65 -0.08
C LYS A 126 -23.85 -13.53 -1.49
N GLY A 127 -24.39 -14.34 -2.41
CA GLY A 127 -23.91 -14.42 -3.77
C GLY A 127 -24.46 -13.28 -4.59
N GLU A 128 -23.61 -12.28 -4.91
CA GLU A 128 -23.95 -11.15 -5.77
C GLU A 128 -25.24 -11.44 -6.57
N GLY B 1 22.03 21.82 -4.95
CA GLY B 1 21.60 21.73 -6.37
C GLY B 1 20.10 21.49 -6.47
N ALA B 2 19.72 20.36 -7.09
CA ALA B 2 18.33 20.21 -7.50
C ALA B 2 17.41 20.18 -6.28
N PRO B 3 17.72 19.40 -5.22
CA PRO B 3 16.89 19.38 -4.04
C PRO B 3 16.71 20.76 -3.40
N ALA B 4 17.79 21.53 -3.31
CA ALA B 4 17.72 22.82 -2.65
C ALA B 4 16.90 23.81 -3.49
N THR B 5 16.94 23.65 -4.82
CA THR B 5 16.15 24.52 -5.68
C THR B 5 14.66 24.24 -5.45
N VAL B 6 14.30 22.97 -5.22
CA VAL B 6 12.92 22.62 -4.98
C VAL B 6 12.46 23.16 -3.62
N THR B 7 13.30 23.05 -2.59
CA THR B 7 13.05 23.65 -1.29
C THR B 7 12.64 25.12 -1.46
N GLU B 8 13.38 25.85 -2.30
CA GLU B 8 13.31 27.30 -2.34
C GLU B 8 12.16 27.78 -3.24
N GLN B 9 12.01 27.17 -4.43
CA GLN B 9 11.10 27.62 -5.48
C GLN B 9 9.99 26.61 -5.81
N GLY B 10 10.01 25.43 -5.18
CA GLY B 10 9.07 24.39 -5.59
C GLY B 10 7.66 24.71 -5.09
N GLU B 11 6.64 24.27 -5.84
CA GLU B 11 5.24 24.47 -5.52
C GLU B 11 4.77 23.42 -4.49
N ASP B 12 4.04 23.88 -3.45
CA ASP B 12 3.52 22.94 -2.46
C ASP B 12 2.25 22.30 -3.01
N ILE B 13 2.30 21.02 -3.39
CA ILE B 13 1.16 20.40 -4.05
C ILE B 13 0.36 19.56 -3.05
N THR B 14 0.56 19.76 -1.74
CA THR B 14 -0.22 19.07 -0.73
C THR B 14 -1.54 19.82 -0.53
N SER B 15 -2.58 19.06 -0.17
CA SER B 15 -3.88 19.63 0.21
C SER B 15 -3.78 20.39 1.53
N LYS B 16 -3.01 19.83 2.46
CA LYS B 16 -2.84 20.43 3.78
C LYS B 16 -1.95 21.67 3.74
N LYS B 17 -1.22 21.90 2.64
CA LYS B 17 -0.29 23.02 2.58
C LYS B 17 0.73 22.93 3.71
N ASP B 18 1.34 21.75 3.85
CA ASP B 18 2.32 21.51 4.89
C ASP B 18 3.71 21.36 4.29
N ARG B 19 3.87 21.66 2.98
CA ARG B 19 5.16 21.58 2.29
C ARG B 19 5.69 20.14 2.31
N GLY B 20 4.79 19.16 2.32
CA GLY B 20 5.22 17.76 2.42
C GLY B 20 5.68 17.20 1.08
N VAL B 21 5.19 17.80 0.00
CA VAL B 21 5.49 17.42 -1.36
C VAL B 21 5.64 18.74 -2.12
N LEU B 22 6.87 19.01 -2.59
CA LEU B 22 7.20 20.20 -3.36
C LEU B 22 7.63 19.76 -4.75
N LYS B 23 7.20 20.53 -5.78
CA LYS B 23 7.32 20.15 -7.17
C LYS B 23 7.85 21.31 -7.98
N ILE B 24 8.85 21.03 -8.83
CA ILE B 24 9.16 21.91 -9.95
C ILE B 24 9.01 21.08 -11.23
N VAL B 25 8.28 21.68 -12.17
CA VAL B 25 8.19 21.14 -13.49
C VAL B 25 9.52 21.47 -14.20
N LYS B 26 10.22 20.46 -14.70
CA LYS B 26 11.47 20.68 -15.44
C LYS B 26 11.24 20.66 -16.94
N ARG B 27 10.29 19.87 -17.43
CA ARG B 27 9.91 19.88 -18.83
C ARG B 27 8.39 19.78 -18.94
N VAL B 28 7.79 20.67 -19.73
CA VAL B 28 6.33 20.72 -19.84
C VAL B 28 5.81 19.53 -20.67
N GLY B 29 4.70 18.94 -20.24
CA GLY B 29 4.12 17.82 -20.97
C GLY B 29 3.17 18.24 -22.11
N ASN B 30 2.45 17.26 -22.66
CA ASN B 30 1.54 17.49 -23.78
C ASN B 30 0.11 17.43 -23.26
N GLY B 31 -0.74 18.34 -23.76
CA GLY B 31 -2.18 18.26 -23.58
C GLY B 31 -2.54 18.45 -22.12
N GLU B 32 -3.84 18.64 -21.82
CA GLU B 32 -4.31 19.10 -20.52
C GLU B 32 -4.44 17.92 -19.53
N GLU B 33 -4.54 16.68 -20.03
CA GLU B 33 -4.95 15.50 -19.27
C GLU B 33 -3.83 15.10 -18.31
N THR B 34 -4.23 14.84 -17.06
CA THR B 34 -3.38 14.26 -16.05
C THR B 34 -4.09 13.00 -15.56
N PRO B 35 -3.38 12.00 -15.03
CA PRO B 35 -4.00 10.70 -14.79
C PRO B 35 -5.01 10.67 -13.64
N MET B 36 -5.91 9.72 -13.74
CA MET B 36 -6.98 9.50 -12.75
C MET B 36 -6.58 8.34 -11.87
N ILE B 37 -7.15 8.30 -10.68
CA ILE B 37 -6.95 7.15 -9.82
C ILE B 37 -7.44 5.90 -10.51
N GLY B 38 -6.62 4.84 -10.41
CA GLY B 38 -6.87 3.60 -11.13
C GLY B 38 -6.08 3.52 -12.44
N ASP B 39 -5.63 4.65 -13.01
CA ASP B 39 -4.99 4.63 -14.32
C ASP B 39 -3.64 3.90 -14.20
N LYS B 40 -3.22 3.29 -15.31
CA LYS B 40 -1.97 2.55 -15.32
C LYS B 40 -0.93 3.56 -15.78
N VAL B 41 0.10 3.77 -14.94
CA VAL B 41 1.03 4.85 -15.19
C VAL B 41 2.43 4.30 -15.50
N TYR B 42 3.07 4.92 -16.52
CA TYR B 42 4.41 4.50 -16.94
C TYR B 42 5.36 5.66 -16.75
N VAL B 43 6.46 5.44 -16.01
CA VAL B 43 7.42 6.50 -15.77
C VAL B 43 8.86 6.01 -15.95
N HIS B 44 9.75 6.98 -16.19
CA HIS B 44 11.16 6.85 -15.84
C HIS B 44 11.41 7.72 -14.61
N TYR B 45 12.28 7.25 -13.70
CA TYR B 45 12.61 8.04 -12.53
C TYR B 45 14.04 7.76 -12.06
N LYS B 46 14.55 8.75 -11.32
CA LYS B 46 15.76 8.70 -10.51
C LYS B 46 15.33 9.15 -9.11
N GLY B 47 15.74 8.39 -8.09
CA GLY B 47 15.41 8.74 -6.72
C GLY B 47 16.65 8.71 -5.83
N LYS B 48 16.67 9.50 -4.74
CA LYS B 48 17.74 9.41 -3.77
C LYS B 48 17.25 9.94 -2.44
N LEU B 49 17.94 9.50 -1.38
CA LEU B 49 17.85 10.18 -0.08
C LEU B 49 18.45 11.57 -0.28
N SER B 50 17.91 12.57 0.40
CA SER B 50 18.50 13.92 0.42
C SER B 50 19.98 13.92 0.79
N ASN B 51 20.36 12.99 1.68
CA ASN B 51 21.74 12.69 2.05
C ASN B 51 22.56 12.19 0.84
N GLY B 52 21.91 11.50 -0.10
CA GLY B 52 22.54 10.84 -1.24
C GLY B 52 23.24 9.53 -0.86
N LYS B 53 22.77 8.86 0.20
CA LYS B 53 23.35 7.59 0.64
C LYS B 53 22.89 6.41 -0.24
N LYS B 54 21.77 6.58 -0.95
CA LYS B 54 21.09 5.53 -1.69
C LYS B 54 20.55 6.21 -2.93
N PHE B 55 20.80 5.62 -4.11
CA PHE B 55 20.29 6.08 -5.39
C PHE B 55 19.55 4.94 -6.09
N ASP B 56 18.48 5.26 -6.80
CA ASP B 56 17.70 4.27 -7.49
C ASP B 56 17.17 4.89 -8.78
N SER B 57 17.23 4.14 -9.86
CA SER B 57 16.93 4.62 -11.19
C SER B 57 16.27 3.51 -12.02
N SER B 58 15.10 3.80 -12.65
CA SER B 58 14.57 2.93 -13.68
C SER B 58 15.53 2.86 -14.88
N HIS B 59 16.33 3.91 -15.09
CA HIS B 59 17.25 3.99 -16.21
C HIS B 59 18.36 2.97 -16.05
N ASP B 60 18.69 2.58 -14.81
CA ASP B 60 19.71 1.56 -14.59
C ASP B 60 19.19 0.26 -15.18
N ARG B 61 17.88 0.01 -15.11
CA ARG B 61 17.25 -1.19 -15.61
C ARG B 61 16.74 -1.01 -17.05
N ASN B 62 16.81 0.22 -17.58
CA ASN B 62 16.49 0.46 -19.00
C ASN B 62 15.05 0.04 -19.30
N GLU B 63 14.13 0.11 -18.33
CA GLU B 63 12.73 -0.26 -18.55
C GLU B 63 11.88 0.71 -17.75
N PRO B 64 10.68 1.13 -18.20
CA PRO B 64 9.83 1.98 -17.38
C PRO B 64 9.33 1.25 -16.14
N PHE B 65 9.14 2.04 -15.07
CA PHE B 65 8.42 1.65 -13.87
C PHE B 65 6.91 1.89 -14.06
N VAL B 66 6.13 0.87 -13.75
CA VAL B 66 4.71 0.84 -14.10
C VAL B 66 3.95 0.65 -12.81
N PHE B 67 2.89 1.46 -12.57
CA PHE B 67 2.06 1.25 -11.38
C PHE B 67 0.66 1.82 -11.61
N SER B 68 -0.29 1.37 -10.76
CA SER B 68 -1.64 1.91 -10.76
C SER B 68 -1.73 3.08 -9.80
N LEU B 69 -2.20 4.22 -10.32
CA LEU B 69 -2.20 5.45 -9.54
C LEU B 69 -3.26 5.39 -8.46
N GLY B 70 -2.87 5.87 -7.28
CA GLY B 70 -3.80 6.13 -6.19
C GLY B 70 -4.25 4.87 -5.50
N LYS B 71 -3.54 3.72 -5.69
CA LYS B 71 -3.96 2.43 -5.15
C LYS B 71 -2.95 1.96 -4.11
N GLY B 72 -2.24 2.92 -3.50
CA GLY B 72 -1.19 2.73 -2.51
C GLY B 72 -0.06 1.76 -2.87
N GLN B 73 0.32 1.69 -4.17
CA GLN B 73 1.42 0.85 -4.61
C GLN B 73 2.76 1.55 -4.43
N VAL B 74 2.71 2.87 -4.25
CA VAL B 74 3.91 3.67 -4.11
C VAL B 74 3.70 4.57 -2.90
N ILE B 75 4.75 5.26 -2.45
CA ILE B 75 4.61 6.23 -1.38
C ILE B 75 3.59 7.31 -1.78
N LYS B 76 2.93 7.89 -0.77
CA LYS B 76 1.83 8.83 -0.89
C LYS B 76 2.26 10.00 -1.79
N ALA B 77 3.52 10.44 -1.68
CA ALA B 77 4.05 11.57 -2.49
C ALA B 77 3.98 11.26 -3.99
N TRP B 78 4.10 10.00 -4.35
CA TRP B 78 4.01 9.68 -5.77
C TRP B 78 2.55 9.72 -6.24
N ASP B 79 1.62 9.21 -5.42
CA ASP B 79 0.21 9.22 -5.77
C ASP B 79 -0.23 10.68 -5.94
N ILE B 80 0.23 11.55 -5.03
CA ILE B 80 -0.06 12.98 -5.11
C ILE B 80 0.59 13.59 -6.36
N GLY B 81 1.90 13.40 -6.48
CA GLY B 81 2.70 14.15 -7.43
C GLY B 81 2.47 13.72 -8.87
N VAL B 82 2.47 12.40 -9.08
CA VAL B 82 2.29 11.90 -10.43
C VAL B 82 0.88 12.24 -10.92
N ALA B 83 -0.12 12.32 -10.03
CA ALA B 83 -1.47 12.74 -10.42
C ALA B 83 -1.51 14.14 -11.02
N THR B 84 -0.55 15.02 -10.67
CA THR B 84 -0.49 16.38 -11.24
C THR B 84 0.26 16.45 -12.56
N MET B 85 0.73 15.36 -13.14
CA MET B 85 1.68 15.44 -14.25
C MET B 85 0.97 15.07 -15.55
N LYS B 86 1.38 15.73 -16.64
CA LYS B 86 0.92 15.43 -18.00
C LYS B 86 1.88 14.47 -18.72
N LYS B 87 1.36 13.75 -19.73
CA LYS B 87 2.16 12.92 -20.63
C LYS B 87 3.33 13.74 -21.19
N GLY B 88 4.55 13.25 -20.96
CA GLY B 88 5.75 13.89 -21.48
C GLY B 88 6.44 14.77 -20.45
N GLU B 89 5.75 15.04 -19.32
CA GLU B 89 6.27 15.96 -18.31
C GLU B 89 7.47 15.32 -17.59
N ILE B 90 8.43 16.18 -17.23
CA ILE B 90 9.47 15.83 -16.26
C ILE B 90 9.38 16.78 -15.08
N ALA B 91 9.45 16.24 -13.88
CA ALA B 91 9.25 17.00 -12.67
C ALA B 91 10.25 16.58 -11.59
N HIS B 92 10.64 17.54 -10.73
CA HIS B 92 11.40 17.24 -9.52
C HIS B 92 10.43 17.29 -8.32
N LEU B 93 10.48 16.28 -7.48
CA LEU B 93 9.78 16.25 -6.21
C LEU B 93 10.77 16.19 -5.04
N LEU B 94 10.48 17.01 -4.03
CA LEU B 94 11.10 16.94 -2.74
C LEU B 94 10.03 16.58 -1.71
N ILE B 95 10.31 15.53 -0.92
CA ILE B 95 9.32 14.85 -0.12
C ILE B 95 9.75 14.72 1.33
N LYS B 96 8.95 15.29 2.25
CA LYS B 96 9.11 15.12 3.67
C LYS B 96 8.78 13.68 4.06
N PRO B 97 9.26 13.20 5.22
CA PRO B 97 9.07 11.80 5.58
C PRO B 97 7.58 11.43 5.71
N GLU B 98 6.75 12.36 6.15
CA GLU B 98 5.34 12.08 6.34
C GLU B 98 4.70 11.57 5.03
N TYR B 99 5.26 11.90 3.85
CA TYR B 99 4.67 11.53 2.56
C TYR B 99 5.50 10.43 1.89
N ALA B 100 6.42 9.86 2.65
CA ALA B 100 7.30 8.82 2.16
C ALA B 100 7.28 7.65 3.15
N TYR B 101 8.33 7.48 3.98
CA TYR B 101 8.47 6.31 4.84
C TYR B 101 8.41 6.67 6.33
N GLY B 102 8.22 7.95 6.67
CA GLY B 102 7.87 8.37 8.02
C GLY B 102 8.94 8.09 9.09
N SER B 103 8.50 8.08 10.35
CA SER B 103 9.44 7.91 11.46
C SER B 103 9.94 6.48 11.52
N ALA B 104 9.16 5.55 10.97
CA ALA B 104 9.52 4.14 10.98
C ALA B 104 10.65 3.86 9.97
N GLY B 105 10.63 4.59 8.87
CA GLY B 105 11.57 4.33 7.80
C GLY B 105 11.27 3.00 7.10
N SER B 106 12.24 2.51 6.33
CA SER B 106 12.14 1.19 5.70
C SER B 106 13.52 0.61 5.69
N LEU B 107 14.03 0.36 6.89
CA LEU B 107 15.38 -0.08 7.13
C LEU B 107 15.57 -1.49 6.63
N PRO B 108 16.78 -1.87 6.16
CA PRO B 108 17.96 -0.99 6.20
C PRO B 108 18.07 0.04 5.06
N LYS B 109 17.20 -0.01 4.07
CA LYS B 109 17.35 0.80 2.87
C LYS B 109 17.07 2.28 3.14
N ILE B 110 15.98 2.60 3.85
CA ILE B 110 15.58 3.97 4.11
C ILE B 110 15.59 4.22 5.62
N PRO B 111 16.32 5.24 6.12
CA PRO B 111 16.34 5.56 7.54
C PRO B 111 15.04 6.21 8.02
N SER B 112 14.88 6.24 9.34
CA SER B 112 13.83 7.00 9.97
C SER B 112 13.88 8.45 9.51
N ASN B 113 12.72 9.01 9.21
CA ASN B 113 12.53 10.44 9.03
C ASN B 113 13.38 10.96 7.85
N ALA B 114 13.34 10.18 6.74
CA ALA B 114 14.17 10.50 5.58
C ALA B 114 13.37 11.42 4.65
N THR B 115 14.06 12.47 4.18
CA THR B 115 13.60 13.26 3.05
C THR B 115 14.11 12.63 1.76
N LEU B 116 13.20 12.43 0.79
CA LEU B 116 13.48 11.88 -0.53
C LEU B 116 13.39 12.95 -1.63
N PHE B 117 14.20 12.71 -2.70
CA PHE B 117 14.15 13.46 -3.93
C PHE B 117 13.94 12.54 -5.13
N PHE B 118 13.04 12.95 -6.03
CA PHE B 118 12.89 12.24 -7.28
C PHE B 118 12.89 13.18 -8.48
N GLU B 119 13.47 12.68 -9.56
CA GLU B 119 13.18 13.16 -10.89
C GLU B 119 12.29 12.13 -11.57
N ILE B 120 11.13 12.59 -12.07
CA ILE B 120 10.15 11.71 -12.67
C ILE B 120 9.80 12.19 -14.06
N GLU B 121 9.83 11.25 -15.02
CA GLU B 121 9.29 11.44 -16.36
C GLU B 121 8.03 10.61 -16.54
N LEU B 122 6.94 11.28 -16.90
CA LEU B 122 5.67 10.61 -17.15
C LEU B 122 5.60 10.26 -18.62
N LEU B 123 5.69 8.95 -18.92
CA LEU B 123 5.80 8.51 -20.30
C LEU B 123 4.43 8.36 -20.92
N ASP B 124 3.54 7.71 -20.16
CA ASP B 124 2.20 7.42 -20.64
C ASP B 124 1.33 7.08 -19.43
N PHE B 125 0.01 7.12 -19.63
CA PHE B 125 -0.94 6.51 -18.74
C PHE B 125 -2.17 6.09 -19.53
N LYS B 126 -2.74 4.95 -19.15
CA LYS B 126 -3.87 4.36 -19.84
C LYS B 126 -4.92 4.07 -18.77
N GLY B 127 -6.19 4.12 -19.16
CA GLY B 127 -7.31 3.68 -18.36
C GLY B 127 -7.21 2.20 -17.97
N GLU B 128 -7.78 1.90 -16.82
CA GLU B 128 -7.93 0.54 -16.29
C GLU B 128 -8.52 -0.31 -17.43
C4 A1INR C . -7.23 -0.48 8.12
C14 A1INR C . -11.13 0.85 4.87
C5 A1INR C . -8.30 0.24 8.62
C6 A1INR C . -8.60 1.48 8.13
C11 A1INR C . -12.00 3.12 7.53
C7 A1INR C . -7.80 2.08 7.15
C8 A1INR C . -7.30 4.40 7.06
C9 A1INR C . -10.82 1.47 9.09
C10 A1INR C . -12.07 2.30 8.88
C12 A1INR C . -13.13 4.16 7.27
C13 A1INR C . -10.85 1.97 5.60
N1 A1INR C . -11.86 2.11 6.47
N2 A1INR C . -12.31 0.34 5.31
C3 A1INR C . -6.43 0.11 7.14
N3 A1INR C . -12.74 1.10 6.30
C1 A1INR C . -4.93 1.28 5.06
O1 A1INR C . -6.00 2.00 5.66
C2 A1INR C . -6.71 1.37 6.65
O2 A1INR C . -8.12 3.30 6.63
O3 A1INR C . -9.66 2.21 8.60
C15 A1INR C . -10.38 0.28 3.70
C16 A1INR C . -9.84 -1.14 3.88
C17 A1INR C . -8.33 -1.22 3.83
O4 A1INR C . -8.06 -2.17 4.89
C18 A1INR C . -7.89 -3.45 4.58
O5 A1INR C . -7.86 -3.88 3.46
C19 A1INR C . -7.71 -4.31 5.82
C20 A1INR C . -8.70 -5.46 5.82
C21 A1INR C . -10.15 -5.05 6.05
C22 A1INR C . -10.23 -4.32 7.37
C23 A1INR C . -9.27 -3.11 7.43
N4 A1INR C . -7.85 -3.45 7.02
C24 A1INR C . -6.73 -2.87 7.54
O6 A1INR C . -5.59 -3.09 7.06
C25 A1INR C . -6.89 -1.85 8.68
C26 A1INR C . -5.60 -1.81 9.56
C27 A1INR C . -5.35 -3.08 10.37
C28 A1INR C . -4.04 -3.00 11.12
C29 A1INR C . -4.06 -1.90 12.13
C30 A1INR C . -4.37 -0.62 11.42
C31 A1INR C . -5.65 -0.66 10.57
H5 A1INR C . -8.83 -0.15 9.30
H13 A1INR C . -11.15 3.62 7.56
H7 A1INR C . -7.62 5.21 6.64
H8 A1INR C . -6.38 4.23 6.80
H6 A1INR C . -7.36 4.48 8.02
H10 A1INR C . -10.90 0.61 8.62
H9 A1INR C . -10.71 1.28 10.05
H11 A1INR C . -12.17 2.92 9.63
H12 A1INR C . -12.84 1.71 8.85
H16 A1INR C . -13.97 3.69 7.10
H14 A1INR C . -12.91 4.69 6.49
H15 A1INR C . -13.24 4.73 8.05
H17 A1INR C . -10.11 2.54 5.51
H4 A1INR C . -5.68 -0.38 6.80
H2 A1INR C . -4.51 1.84 4.39
H3 A1INR C . -5.29 0.48 4.63
H1 A1INR C . -4.29 1.03 5.74
H19 A1INR C . -10.97 0.29 2.93
H18 A1INR C . -9.63 0.88 3.51
H21 A1INR C . -10.14 -1.49 4.73
H20 A1INR C . -10.21 -1.70 3.17
H23 A1INR C . -8.00 -1.56 2.97
H22 A1INR C . -7.89 -0.36 4.03
H24 A1INR C . -6.79 -4.68 5.81
H26 A1INR C . -8.64 -5.93 4.95
H25 A1INR C . -8.45 -6.10 6.52
H27 A1INR C . -10.73 -5.84 6.05
H28 A1INR C . -10.46 -4.45 5.31
H29 A1INR C . -10.02 -4.94 8.10
H30 A1INR C . -11.16 -4.00 7.51
H31 A1INR C . -9.26 -2.76 8.35
H32 A1INR C . -9.60 -2.40 6.84
H33 A1INR C . -7.65 -2.13 9.25
H34 A1INR C . -4.83 -1.66 8.97
H36 A1INR C . -6.08 -3.21 11.02
H35 A1INR C . -5.34 -3.86 9.78
H37 A1INR C . -3.31 -2.84 10.47
H38 A1INR C . -3.87 -3.86 11.57
H39 A1INR C . -3.19 -1.84 12.57
H40 A1INR C . -4.75 -2.08 12.81
H41 A1INR C . -3.60 -0.39 10.84
H42 A1INR C . -4.45 0.10 12.09
H44 A1INR C . -6.42 -0.77 11.15
H43 A1INR C . -5.75 0.19 10.10
C4 A1INR D . 12.69 2.29 -3.49
C14 A1INR D . 8.96 -0.39 -5.72
C5 A1INR D . 13.04 1.32 -4.43
C6 A1INR D . 13.01 -0.03 -4.11
C11 A1INR D . 12.00 -1.42 -7.43
C7 A1INR D . 12.59 -0.43 -2.84
C8 A1INR D . 11.39 -2.53 -2.63
C9 A1INR D . 14.17 -0.83 -6.08
C10 A1INR D . 13.20 -0.44 -7.18
C12 A1INR D . 11.63 -1.45 -8.91
C13 A1INR D . 9.97 -0.08 -6.59
N1 A1INR D . 10.76 -1.18 -6.67
N2 A1INR D . 9.09 -1.70 -5.41
C3 A1INR D . 12.21 1.91 -2.25
N3 A1INR D . 10.22 -2.15 -5.92
C1 A1INR D . 11.41 0.91 0.34
O1 A1INR D . 11.83 0.04 -0.72
C2 A1INR D . 12.18 0.54 -1.93
O2 A1INR D . 12.60 -1.78 -2.52
O3 A1INR D . 13.39 -1.08 -4.91
C15 A1INR D . 7.76 0.41 -5.32
C16 A1INR D . 7.45 0.59 -3.83
C17 A1INR D . 8.43 1.41 -3.03
O4 A1INR D . 8.94 2.56 -3.75
C18 A1INR D . 8.24 3.69 -3.73
O5 A1INR D . 7.11 3.80 -3.38
C19 A1INR D . 9.06 4.82 -4.30
C20 A1INR D . 8.32 5.42 -5.50
C21 A1INR D . 8.33 4.51 -6.68
C22 A1INR D . 9.81 4.28 -7.05
C23 A1INR D . 10.61 3.67 -5.90
N4 A1INR D . 10.42 4.36 -4.62
C24 A1INR D . 11.38 4.43 -3.66
O6 A1INR D . 11.12 4.88 -2.56
C25 A1INR D . 12.74 3.79 -3.86
C26 A1INR D . 13.84 4.49 -3.03
C27 A1INR D . 14.09 5.91 -3.55
C28 A1INR D . 15.19 6.57 -2.78
C29 A1INR D . 16.49 5.81 -2.80
C30 A1INR D . 16.31 4.37 -2.34
C31 A1INR D . 15.15 3.70 -3.07
H5 A1INR D . 13.35 1.60 -5.28
H13 A1INR D . 12.31 -2.32 -7.18
H7 A1INR D . 11.55 -3.44 -2.35
H8 A1INR D . 11.10 -2.52 -3.56
H6 A1INR D . 10.71 -2.13 -2.08
H10 A1INR D . 14.82 -0.10 -5.91
H9 A1INR D . 14.67 -1.64 -6.33
H11 A1INR D . 13.70 -0.36 -8.02
H12 A1INR D . 12.84 0.45 -6.99
H16 A1INR D . 11.37 -0.56 -9.21
H14 A1INR D . 10.89 -2.05 -9.05
H15 A1INR D . 12.39 -1.75 -9.43
H17 A1INR D . 10.14 0.75 -7.01
H4 A1INR D . 11.97 2.56 -1.61
H2 A1INR D . 11.20 0.37 1.12
H3 A1INR D . 10.63 1.40 0.06
H1 A1INR D . 12.14 1.52 0.56
H19 A1INR D . 7.86 1.30 -5.72
H18 A1INR D . 6.98 0.00 -5.74
H21 A1INR D . 6.58 1.01 -3.76
H20 A1INR D . 7.39 -0.29 -3.43
H23 A1INR D . 7.98 1.70 -2.21
H22 A1INR D . 9.16 0.83 -2.77
H24 A1INR D . 9.14 5.52 -3.59
H26 A1INR D . 7.39 5.62 -5.26
H25 A1INR D . 8.76 6.27 -5.76
H27 A1INR D . 7.85 4.91 -7.43
H28 A1INR D . 7.90 3.65 -6.45
H29 A1INR D . 10.22 5.14 -7.30
H30 A1INR D . 9.86 3.68 -7.82
H31 A1INR D . 11.56 3.71 -6.14
H32 A1INR D . 10.35 2.72 -5.80
H33 A1INR D . 12.98 3.86 -4.83
H34 A1INR D . 13.54 4.55 -2.09
H36 A1INR D . 14.33 5.88 -4.50
H35 A1INR D . 13.27 6.44 -3.47
H37 A1INR D . 14.90 6.69 -1.85
H38 A1INR D . 15.35 7.48 -3.16
H39 A1INR D . 17.14 6.25 -2.21
H40 A1INR D . 16.86 5.81 -3.71
H41 A1INR D . 16.15 4.36 -1.38
H42 A1INR D . 17.13 3.86 -2.51
H44 A1INR D . 15.40 3.56 -4.00
H43 A1INR D . 14.99 2.82 -2.67
#